data_6IJF
#
_entry.id   6IJF
#
_cell.length_a   72.025
_cell.length_b   72.025
_cell.length_c   194.348
_cell.angle_alpha   90.00
_cell.angle_beta   90.00
_cell.angle_gamma   120.00
#
_symmetry.space_group_name_H-M   'P 61'
#
loop_
_entity.id
_entity.type
_entity.pdbx_description
1 polymer Tai4
2 polymer Tae4
3 non-polymer 'PENTAETHYLENE GLYCOL'
4 non-polymer 'SULFATE ION'
5 water water
#
loop_
_entity_poly.entity_id
_entity_poly.type
_entity_poly.pdbx_seq_one_letter_code
_entity_poly.pdbx_strand_id
1 'polypeptide(L)'
;GDPAERTWIFSGAELKQAIEGKLAPDVSDPEMRRLVSVAKSSAYIAGVADLTSGSDWCGAGAVAPHELTDRIYTYLGDMP
AEKLDEQAATLVREALKVSFPCEQKSN
;
A,B
2 'polypeptide(L)'
;MMRVNFDTLYSNYPSSDPSHPNYLSQRDLFTEIGWESFIGNPNYHNTCAIRVSIAFVKSGINIVPSSHRIQKGPYAGKGI
EVNMRRLATLMKRTSYLGEPDPYTPATARNGIGARNGVVAFNNIPGYTGGGHIDLVRGGSEATQCASACYYNSETIWFWP
LQAS
;
C,D
#
# COMPACT_ATOMS: atom_id res chain seq x y z
N PRO A 3 22.26 3.23 15.16
CA PRO A 3 22.55 2.37 13.99
C PRO A 3 22.21 0.89 14.26
N ALA A 4 21.14 0.38 13.63
CA ALA A 4 20.44 -0.91 13.86
C ALA A 4 19.76 -0.94 15.24
N GLU A 5 19.40 0.24 15.78
CA GLU A 5 18.55 0.38 16.99
C GLU A 5 17.17 0.93 16.55
N ARG A 6 16.71 0.51 15.38
CA ARG A 6 15.54 1.14 14.68
C ARG A 6 14.23 0.61 15.28
N THR A 7 13.24 1.50 15.39
CA THR A 7 11.85 1.21 15.81
C THR A 7 10.84 1.45 14.66
N TRP A 8 11.25 2.07 13.55
CA TRP A 8 10.35 2.53 12.46
C TRP A 8 9.99 1.38 11.51
N ILE A 9 8.77 1.44 10.98
CA ILE A 9 8.23 0.40 10.06
C ILE A 9 8.87 0.58 8.68
N PHE A 10 9.00 1.80 8.18
CA PHE A 10 9.76 2.07 6.93
C PHE A 10 10.94 2.99 7.24
N SER A 11 12.10 2.62 6.74
CA SER A 11 13.27 3.50 6.56
C SER A 11 13.09 4.26 5.25
N GLY A 12 13.82 5.34 5.10
CA GLY A 12 13.98 6.10 3.85
C GLY A 12 14.33 5.18 2.69
N ALA A 13 15.25 4.25 2.87
CA ALA A 13 15.70 3.31 1.82
C ALA A 13 14.53 2.41 1.41
N GLU A 14 13.74 1.93 2.34
CA GLU A 14 12.60 1.01 2.04
C GLU A 14 11.53 1.79 1.29
N LEU A 15 11.24 3.01 1.70
CA LEU A 15 10.23 3.85 1.01
C LEU A 15 10.71 4.07 -0.42
N LYS A 16 11.98 4.42 -0.60
CA LYS A 16 12.51 4.71 -1.95
C LYS A 16 12.40 3.46 -2.83
N GLN A 17 12.72 2.29 -2.29
CA GLN A 17 12.56 1.00 -3.02
C GLN A 17 11.09 0.76 -3.40
N ALA A 18 10.14 1.07 -2.50
CA ALA A 18 8.70 0.90 -2.77
C ALA A 18 8.27 1.84 -3.91
N ILE A 19 8.73 3.10 -3.86
CA ILE A 19 8.42 4.13 -4.89
C ILE A 19 8.92 3.62 -6.27
N GLU A 20 10.04 2.89 -6.28
CA GLU A 20 10.70 2.38 -7.50
C GLU A 20 10.06 1.08 -7.96
N GLY A 21 9.10 0.54 -7.21
CA GLY A 21 8.32 -0.64 -7.58
C GLY A 21 8.97 -1.94 -7.11
N LYS A 22 9.84 -1.91 -6.11
CA LYS A 22 10.65 -3.10 -5.72
C LYS A 22 10.54 -3.38 -4.22
N LEU A 23 9.34 -3.48 -3.67
CA LEU A 23 9.16 -3.86 -2.24
C LEU A 23 7.91 -4.73 -2.10
N ALA A 24 7.80 -5.83 -2.84
CA ALA A 24 6.73 -6.82 -2.61
C ALA A 24 7.19 -8.22 -3.04
N PRO A 25 8.15 -8.82 -2.32
CA PRO A 25 8.70 -10.13 -2.69
C PRO A 25 7.76 -11.33 -2.50
N ASP A 26 6.63 -11.10 -1.83
CA ASP A 26 5.53 -12.08 -1.62
C ASP A 26 4.64 -12.20 -2.87
N VAL A 27 4.76 -11.29 -3.84
CA VAL A 27 3.90 -11.21 -5.05
C VAL A 27 4.67 -11.79 -6.24
N SER A 28 4.02 -12.66 -7.03
CA SER A 28 4.63 -13.48 -8.12
C SER A 28 4.80 -12.69 -9.42
N ASP A 29 3.75 -12.03 -9.93
CA ASP A 29 3.85 -11.37 -11.26
C ASP A 29 4.65 -10.08 -11.12
N PRO A 30 5.69 -9.84 -11.94
CA PRO A 30 6.50 -8.62 -11.82
C PRO A 30 5.72 -7.30 -11.96
N GLU A 31 4.67 -7.28 -12.79
CA GLU A 31 3.84 -6.07 -12.95
C GLU A 31 2.94 -5.89 -11.71
N MET A 32 2.42 -6.98 -11.13
CA MET A 32 1.67 -6.92 -9.86
C MET A 32 2.62 -6.47 -8.74
N ARG A 33 3.86 -6.95 -8.72
CA ARG A 33 4.90 -6.59 -7.71
C ARG A 33 5.05 -5.06 -7.72
N ARG A 34 5.12 -4.49 -8.92
CA ARG A 34 5.31 -3.03 -9.09
C ARG A 34 4.08 -2.31 -8.57
N LEU A 35 2.89 -2.77 -8.94
CA LEU A 35 1.62 -2.11 -8.56
C LEU A 35 1.51 -2.15 -7.02
N VAL A 36 1.82 -3.27 -6.37
CA VAL A 36 1.72 -3.40 -4.90
C VAL A 36 2.74 -2.48 -4.22
N SER A 37 3.97 -2.48 -4.70
CA SER A 37 5.08 -1.66 -4.14
C SER A 37 4.69 -0.18 -4.14
N VAL A 38 4.19 0.29 -5.28
CA VAL A 38 3.81 1.70 -5.48
C VAL A 38 2.58 2.03 -4.60
N ALA A 39 1.63 1.09 -4.47
CA ALA A 39 0.45 1.25 -3.58
C ALA A 39 0.93 1.50 -2.14
N LYS A 40 1.93 0.76 -1.67
CA LYS A 40 2.49 0.92 -0.31
C LYS A 40 3.15 2.31 -0.17
N SER A 41 3.98 2.73 -1.11
CA SER A 41 4.70 4.02 -1.00
C SER A 41 3.69 5.18 -1.06
N SER A 42 2.72 5.13 -1.97
CA SER A 42 1.67 6.16 -2.11
C SER A 42 0.92 6.32 -0.80
N ALA A 43 0.55 5.21 -0.18
CA ALA A 43 -0.30 5.20 1.02
C ALA A 43 0.50 5.67 2.24
N TYR A 44 1.77 5.25 2.37
CA TYR A 44 2.66 5.73 3.45
C TYR A 44 2.80 7.26 3.36
N ILE A 45 3.09 7.74 2.16
CA ILE A 45 3.19 9.20 1.87
C ILE A 45 1.86 9.89 2.22
N ALA A 46 0.73 9.29 1.83
CA ALA A 46 -0.60 9.87 2.12
C ALA A 46 -0.81 10.01 3.64
N GLY A 47 -0.39 9.04 4.43
CA GLY A 47 -0.52 9.06 5.89
C GLY A 47 0.14 10.28 6.48
N VAL A 48 1.41 10.48 6.12
CA VAL A 48 2.20 11.65 6.56
C VAL A 48 1.58 12.94 5.98
N ALA A 49 1.22 12.97 4.70
CA ALA A 49 0.67 14.18 4.05
C ALA A 49 -0.61 14.60 4.74
N ASP A 50 -1.55 13.68 4.94
CA ASP A 50 -2.87 13.97 5.55
C ASP A 50 -2.63 14.50 6.98
N LEU A 51 -1.74 13.89 7.75
CA LEU A 51 -1.53 14.29 9.16
C LEU A 51 -0.96 15.72 9.23
N THR A 52 -0.13 16.12 8.28
CA THR A 52 0.72 17.33 8.37
C THR A 52 0.20 18.47 7.51
N SER A 53 -0.95 18.28 6.80
CA SER A 53 -1.44 19.24 5.76
C SER A 53 -1.68 20.63 6.38
N GLY A 54 -2.29 20.68 7.56
CA GLY A 54 -2.49 21.98 8.24
C GLY A 54 -1.20 22.81 8.37
N SER A 55 -0.16 22.20 8.91
CA SER A 55 1.00 22.83 9.55
C SER A 55 2.24 22.87 8.65
N ASP A 56 2.82 21.73 8.27
CA ASP A 56 4.16 21.65 7.64
C ASP A 56 4.15 21.94 6.14
N TRP A 57 3.03 21.74 5.44
CA TRP A 57 2.99 21.96 3.96
C TRP A 57 1.63 22.50 3.56
N CYS A 58 1.56 23.14 2.40
CA CYS A 58 0.32 23.77 1.88
C CYS A 58 0.03 23.28 0.45
N GLY A 59 -1.23 23.08 0.13
CA GLY A 59 -1.70 22.68 -1.22
C GLY A 59 -2.58 21.45 -1.21
N ALA A 60 -2.85 20.88 -0.03
CA ALA A 60 -3.63 19.64 0.18
C ALA A 60 -4.86 19.51 -0.71
N GLY A 61 -5.64 20.56 -0.94
CA GLY A 61 -6.86 20.34 -1.72
C GLY A 61 -6.58 20.43 -3.21
N ALA A 62 -5.38 20.86 -3.61
CA ALA A 62 -5.15 21.33 -5.00
C ALA A 62 -3.90 20.69 -5.62
N VAL A 63 -3.25 19.72 -4.95
CA VAL A 63 -2.16 18.93 -5.57
C VAL A 63 -2.56 17.45 -5.64
N ALA A 64 -2.54 16.89 -6.84
CA ALA A 64 -2.83 15.45 -7.08
C ALA A 64 -1.90 14.63 -6.20
N PRO A 65 -2.40 13.59 -5.51
CA PRO A 65 -1.54 12.77 -4.65
C PRO A 65 -0.24 12.22 -5.27
N HIS A 66 -0.28 11.77 -6.53
CA HIS A 66 0.91 11.17 -7.19
C HIS A 66 1.97 12.25 -7.43
N GLU A 67 1.60 13.53 -7.47
CA GLU A 67 2.59 14.61 -7.60
C GLU A 67 3.42 14.69 -6.33
N LEU A 68 2.83 14.39 -5.18
CA LEU A 68 3.63 14.37 -3.93
C LEU A 68 4.74 13.33 -4.07
N THR A 69 4.42 12.16 -4.61
CA THR A 69 5.40 11.04 -4.71
C THR A 69 6.57 11.49 -5.57
N ASP A 70 6.31 12.19 -6.68
CA ASP A 70 7.36 12.69 -7.59
C ASP A 70 8.31 13.59 -6.78
N ARG A 71 7.80 14.55 -6.01
CA ARG A 71 8.67 15.52 -5.29
C ARG A 71 9.41 14.80 -4.16
N ILE A 72 8.76 13.85 -3.49
CA ILE A 72 9.42 13.09 -2.39
C ILE A 72 10.57 12.28 -2.97
N TYR A 73 10.36 11.63 -4.10
CA TYR A 73 11.39 10.78 -4.73
C TYR A 73 12.62 11.63 -5.09
N THR A 74 12.43 12.80 -5.68
CA THR A 74 13.60 13.64 -6.06
CA THR A 74 13.60 13.64 -6.06
C THR A 74 14.33 14.06 -4.78
N TYR A 75 13.60 14.37 -3.71
CA TYR A 75 14.23 14.75 -2.42
C TYR A 75 15.04 13.57 -1.86
N LEU A 76 14.47 12.36 -1.87
CA LEU A 76 15.15 11.15 -1.35
C LEU A 76 16.43 10.86 -2.15
N GLY A 77 16.45 11.21 -3.45
CA GLY A 77 17.64 11.02 -4.31
C GLY A 77 18.65 12.15 -4.18
N ASP A 78 18.22 13.38 -3.90
CA ASP A 78 19.09 14.59 -3.82
C ASP A 78 19.85 14.59 -2.49
N MET A 79 19.25 14.05 -1.44
CA MET A 79 19.82 14.15 -0.06
C MET A 79 20.97 13.17 0.06
N PRO A 80 21.87 13.34 1.05
CA PRO A 80 22.98 12.40 1.26
C PRO A 80 22.44 11.00 1.59
N ALA A 81 23.07 9.99 1.00
CA ALA A 81 22.67 8.56 1.02
C ALA A 81 22.56 7.99 2.45
N GLU A 82 23.29 8.51 3.43
CA GLU A 82 23.27 7.93 4.80
C GLU A 82 21.95 8.29 5.50
N LYS A 83 21.26 9.35 5.07
CA LYS A 83 19.94 9.76 5.65
C LYS A 83 18.85 8.72 5.32
N LEU A 84 19.08 7.82 4.36
CA LEU A 84 18.09 6.78 3.96
C LEU A 84 17.85 5.79 5.11
N ASP A 85 18.74 5.69 6.11
CA ASP A 85 18.60 4.73 7.23
C ASP A 85 17.68 5.34 8.31
N GLU A 86 17.30 6.60 8.16
CA GLU A 86 16.35 7.28 9.08
C GLU A 86 14.93 6.79 8.82
N GLN A 87 14.03 7.03 9.76
CA GLN A 87 12.59 6.72 9.55
C GLN A 87 12.10 7.51 8.34
N ALA A 88 11.30 6.87 7.48
CA ALA A 88 10.84 7.50 6.21
C ALA A 88 9.92 8.68 6.50
N ALA A 89 9.06 8.59 7.51
CA ALA A 89 8.03 9.61 7.73
C ALA A 89 8.63 11.02 7.93
N THR A 90 9.71 11.19 8.69
CA THR A 90 10.36 12.52 8.92
C THR A 90 10.94 13.02 7.60
N LEU A 91 11.46 12.11 6.77
CA LEU A 91 11.99 12.48 5.44
C LEU A 91 10.85 12.95 4.54
N VAL A 92 9.71 12.29 4.60
CA VAL A 92 8.54 12.72 3.79
C VAL A 92 8.11 14.11 4.25
N ARG A 93 8.02 14.33 5.56
CA ARG A 93 7.58 15.65 6.10
C ARG A 93 8.57 16.73 5.60
N GLU A 94 9.88 16.46 5.64
CA GLU A 94 10.95 17.39 5.16
C GLU A 94 10.73 17.69 3.68
N ALA A 95 10.55 16.64 2.87
CA ALA A 95 10.30 16.73 1.41
C ALA A 95 9.08 17.62 1.15
N LEU A 96 7.99 17.41 1.88
CA LEU A 96 6.74 18.18 1.64
C LEU A 96 6.99 19.68 1.99
N LYS A 97 7.64 19.96 3.11
CA LYS A 97 7.95 21.35 3.58
C LYS A 97 8.72 22.10 2.49
N VAL A 98 9.73 21.43 1.90
CA VAL A 98 10.64 21.99 0.86
C VAL A 98 9.85 22.21 -0.43
N SER A 99 9.06 21.24 -0.88
CA SER A 99 8.39 21.27 -2.21
C SER A 99 7.08 22.05 -2.16
N PHE A 100 6.40 22.09 -1.01
CA PHE A 100 5.05 22.72 -0.86
C PHE A 100 5.05 23.60 0.38
N PRO A 101 5.97 24.59 0.47
CA PRO A 101 6.11 25.42 1.67
C PRO A 101 4.85 26.25 1.93
N CYS A 102 4.54 26.53 3.20
CA CYS A 102 3.42 27.41 3.59
C CYS A 102 3.94 28.85 3.65
N GLU A 103 3.13 29.84 3.25
CA GLU A 103 3.36 31.28 3.53
C GLU A 103 2.04 32.06 3.42
N GLU B 5 -14.18 21.31 0.99
CA GLU B 5 -13.57 21.34 2.37
C GLU B 5 -12.77 20.06 2.62
N ARG B 6 -13.02 18.99 1.86
CA ARG B 6 -12.20 17.76 1.88
C ARG B 6 -10.93 17.94 1.04
N THR B 7 -9.77 17.92 1.72
CA THR B 7 -8.42 18.00 1.13
C THR B 7 -7.62 16.70 1.34
N TRP B 8 -8.09 15.78 2.19
CA TRP B 8 -7.34 14.58 2.62
C TRP B 8 -7.42 13.47 1.56
N ILE B 9 -6.34 12.69 1.48
CA ILE B 9 -6.20 11.59 0.49
C ILE B 9 -7.06 10.39 0.97
N PHE B 10 -7.04 10.05 2.25
CA PHE B 10 -7.94 9.02 2.81
C PHE B 10 -8.82 9.66 3.89
N SER B 11 -10.11 9.40 3.80
CA SER B 11 -11.08 9.54 4.90
C SER B 11 -11.00 8.30 5.77
N GLY B 12 -11.52 8.42 6.99
CA GLY B 12 -11.74 7.29 7.91
C GLY B 12 -12.47 6.15 7.24
N ALA B 13 -13.53 6.44 6.49
CA ALA B 13 -14.32 5.41 5.79
C ALA B 13 -13.46 4.67 4.75
N GLU B 14 -12.63 5.40 4.01
CA GLU B 14 -11.79 4.78 2.95
C GLU B 14 -10.73 3.90 3.60
N LEU B 15 -10.13 4.36 4.68
CA LEU B 15 -9.10 3.55 5.38
C LEU B 15 -9.77 2.28 5.88
N LYS B 16 -10.95 2.40 6.47
CA LYS B 16 -11.65 1.22 7.03
C LYS B 16 -11.95 0.22 5.92
N GLN B 17 -12.40 0.70 4.76
CA GLN B 17 -12.64 -0.16 3.58
C GLN B 17 -11.35 -0.85 3.11
N ALA B 18 -10.22 -0.15 3.12
CA ALA B 18 -8.89 -0.71 2.74
C ALA B 18 -8.51 -1.83 3.73
N ILE B 19 -8.68 -1.57 5.02
CA ILE B 19 -8.37 -2.55 6.11
C ILE B 19 -9.19 -3.82 5.89
N GLU B 20 -10.42 -3.67 5.38
CA GLU B 20 -11.38 -4.78 5.17
C GLU B 20 -11.11 -5.49 3.85
N GLY B 21 -10.16 -5.00 3.05
CA GLY B 21 -9.71 -5.63 1.82
C GLY B 21 -10.51 -5.16 0.60
N LYS B 22 -11.17 -4.01 0.65
CA LYS B 22 -12.10 -3.57 -0.41
C LYS B 22 -11.78 -2.16 -0.91
N LEU B 23 -10.54 -1.88 -1.29
CA LEU B 23 -10.20 -0.57 -1.89
C LEU B 23 -9.13 -0.76 -2.97
N ALA B 24 -9.37 -1.61 -3.97
CA ALA B 24 -8.50 -1.72 -5.17
C ALA B 24 -9.31 -2.18 -6.38
N PRO B 25 -10.23 -1.32 -6.89
CA PRO B 25 -11.09 -1.70 -8.01
C PRO B 25 -10.39 -1.84 -9.37
N ASP B 26 -9.13 -1.41 -9.45
CA ASP B 26 -8.23 -1.53 -10.64
C ASP B 26 -7.65 -2.94 -10.74
N VAL B 27 -7.77 -3.77 -9.69
CA VAL B 27 -7.13 -5.12 -9.60
C VAL B 27 -8.21 -6.19 -9.87
N SER B 28 -7.88 -7.17 -10.73
CA SER B 28 -8.82 -8.19 -11.28
C SER B 28 -9.04 -9.35 -10.30
N ASP B 29 -8.01 -9.99 -9.78
CA ASP B 29 -8.20 -11.20 -8.93
C ASP B 29 -8.70 -10.76 -7.56
N PRO B 30 -9.79 -11.34 -7.02
CA PRO B 30 -10.31 -10.92 -5.71
C PRO B 30 -9.33 -11.10 -4.54
N GLU B 31 -8.46 -12.12 -4.59
CA GLU B 31 -7.44 -12.31 -3.54
C GLU B 31 -6.32 -11.27 -3.69
N MET B 32 -5.93 -10.91 -4.92
CA MET B 32 -4.96 -9.82 -5.17
C MET B 32 -5.59 -8.48 -4.72
N ARG B 33 -6.88 -8.28 -4.98
CA ARG B 33 -7.62 -7.04 -4.57
C ARG B 33 -7.47 -6.88 -3.06
N ARG B 34 -7.65 -7.96 -2.33
CA ARG B 34 -7.56 -7.95 -0.85
C ARG B 34 -6.13 -7.63 -0.42
N LEU B 35 -5.16 -8.28 -1.05
CA LEU B 35 -3.73 -8.09 -0.68
C LEU B 35 -3.35 -6.62 -0.94
N VAL B 36 -3.75 -6.04 -2.06
CA VAL B 36 -3.42 -4.63 -2.42
C VAL B 36 -4.10 -3.68 -1.43
N SER B 37 -5.37 -3.90 -1.13
CA SER B 37 -6.16 -3.05 -0.22
C SER B 37 -5.50 -2.99 1.16
N VAL B 38 -5.12 -4.15 1.68
CA VAL B 38 -4.50 -4.29 3.02
C VAL B 38 -3.10 -3.66 2.98
N ALA B 39 -2.34 -3.80 1.90
CA ALA B 39 -1.01 -3.16 1.73
C ALA B 39 -1.17 -1.63 1.85
N LYS B 40 -2.20 -1.06 1.25
CA LYS B 40 -2.46 0.41 1.33
C LYS B 40 -2.78 0.81 2.78
N SER B 41 -3.67 0.10 3.46
CA SER B 41 -4.09 0.47 4.84
C SER B 41 -2.89 0.31 5.80
N SER B 42 -2.15 -0.78 5.68
CA SER B 42 -0.95 -1.04 6.52
C SER B 42 0.05 0.11 6.37
N ALA B 43 0.29 0.53 5.14
CA ALA B 43 1.33 1.52 4.83
C ALA B 43 0.87 2.92 5.28
N TYR B 44 -0.41 3.27 5.08
CA TYR B 44 -0.99 4.55 5.57
C TYR B 44 -0.83 4.62 7.10
N ILE B 45 -1.23 3.55 7.77
CA ILE B 45 -1.08 3.42 9.25
C ILE B 45 0.40 3.53 9.64
N ALA B 46 1.30 2.89 8.91
CA ALA B 46 2.75 2.95 9.19
C ALA B 46 3.26 4.40 9.11
N GLY B 47 2.79 5.17 8.14
CA GLY B 47 3.19 6.58 7.95
C GLY B 47 2.89 7.40 9.20
N VAL B 48 1.66 7.31 9.65
CA VAL B 48 1.19 8.00 10.90
C VAL B 48 1.94 7.42 12.10
N ALA B 49 2.07 6.10 12.24
CA ALA B 49 2.72 5.46 13.39
C ALA B 49 4.18 5.92 13.49
N ASP B 50 4.92 5.84 12.40
CA ASP B 50 6.36 6.22 12.38
C ASP B 50 6.48 7.70 12.77
N LEU B 51 5.64 8.57 12.23
CA LEU B 51 5.77 10.03 12.48
C LEU B 51 5.50 10.34 13.96
N THR B 52 4.61 9.60 14.62
CA THR B 52 4.04 9.98 15.95
C THR B 52 4.62 9.12 17.08
N SER B 53 5.56 8.25 16.76
CA SER B 53 6.24 7.30 17.63
C SER B 53 6.92 8.06 18.79
N GLY B 54 6.49 7.84 20.03
CA GLY B 54 7.19 8.37 21.20
C GLY B 54 6.65 9.70 21.60
N SER B 55 5.80 10.35 20.79
CA SER B 55 5.16 11.62 21.19
C SER B 55 3.71 11.32 21.53
N ASP B 56 2.96 10.62 20.67
CA ASP B 56 1.52 10.31 20.88
C ASP B 56 1.31 8.86 21.35
N TRP B 57 2.21 7.93 21.02
CA TRP B 57 2.01 6.50 21.41
C TRP B 57 3.35 5.89 21.76
N CYS B 58 3.34 4.80 22.51
CA CYS B 58 4.56 4.07 22.96
C CYS B 58 4.46 2.59 22.63
N GLY B 59 5.56 2.01 22.17
CA GLY B 59 5.66 0.57 21.80
C GLY B 59 6.27 0.39 20.42
N ALA B 60 6.53 1.47 19.67
CA ALA B 60 7.30 1.39 18.40
C ALA B 60 8.59 0.64 18.71
N GLY B 61 8.93 -0.32 17.87
CA GLY B 61 10.15 -1.14 18.03
C GLY B 61 9.91 -2.38 18.82
N ALA B 62 8.72 -2.53 19.41
CA ALA B 62 8.27 -3.74 20.11
C ALA B 62 7.06 -4.35 19.35
N VAL B 63 5.97 -3.60 19.28
CA VAL B 63 4.64 -4.08 18.78
C VAL B 63 4.73 -4.32 17.27
N ALA B 64 4.38 -5.54 16.85
CA ALA B 64 4.35 -5.91 15.43
C ALA B 64 3.45 -4.94 14.69
N PRO B 65 3.85 -4.45 13.49
CA PRO B 65 3.00 -3.53 12.74
C PRO B 65 1.54 -3.95 12.50
N HIS B 66 1.28 -5.22 12.22
CA HIS B 66 -0.10 -5.69 11.92
C HIS B 66 -0.97 -5.62 13.19
N GLU B 67 -0.36 -5.62 14.38
CA GLU B 67 -1.13 -5.45 15.63
C GLU B 67 -1.70 -4.05 15.68
N LEU B 68 -0.98 -3.06 15.14
CA LEU B 68 -1.53 -1.68 15.12
C LEU B 68 -2.83 -1.69 14.32
N THR B 69 -2.85 -2.39 13.18
CA THR B 69 -4.03 -2.39 12.29
C THR B 69 -5.24 -2.97 13.03
N ASP B 70 -5.04 -4.03 13.81
CA ASP B 70 -6.13 -4.66 14.59
C ASP B 70 -6.71 -3.61 15.55
N ARG B 71 -5.89 -2.87 16.28
CA ARG B 71 -6.40 -1.90 17.29
C ARG B 71 -7.04 -0.71 16.59
N ILE B 72 -6.48 -0.28 15.46
CA ILE B 72 -7.06 0.86 14.71
C ILE B 72 -8.44 0.46 14.18
N TYR B 73 -8.58 -0.74 13.65
CA TYR B 73 -9.86 -1.22 13.09
C TYR B 73 -10.93 -1.23 14.17
N THR B 74 -10.64 -1.75 15.36
CA THR B 74 -11.67 -1.81 16.43
C THR B 74 -12.04 -0.37 16.81
N TYR B 75 -11.08 0.56 16.85
CA TYR B 75 -11.38 1.98 17.17
C TYR B 75 -12.29 2.57 16.08
N LEU B 76 -11.97 2.34 14.81
CA LEU B 76 -12.78 2.87 13.67
C LEU B 76 -14.21 2.33 13.71
N GLY B 77 -14.41 1.11 14.23
CA GLY B 77 -15.74 0.48 14.37
C GLY B 77 -16.48 0.95 15.63
N ASP B 78 -15.77 1.23 16.72
CA ASP B 78 -16.34 1.61 18.04
C ASP B 78 -16.80 3.08 18.00
N MET B 79 -16.12 3.92 17.23
CA MET B 79 -16.28 5.37 17.30
C MET B 79 -17.60 5.76 16.63
N PRO B 80 -18.14 6.98 16.90
CA PRO B 80 -19.37 7.43 16.24
C PRO B 80 -19.15 7.53 14.72
N ALA B 81 -20.09 6.97 13.95
CA ALA B 81 -20.01 6.71 12.50
C ALA B 81 -19.75 8.01 11.68
N GLU B 82 -20.16 9.18 12.16
CA GLU B 82 -20.02 10.43 11.36
C GLU B 82 -18.55 10.86 11.35
N LYS B 83 -17.71 10.43 12.32
CA LYS B 83 -16.26 10.74 12.34
C LYS B 83 -15.53 10.09 11.16
N LEU B 84 -16.11 9.10 10.49
CA LEU B 84 -15.48 8.39 9.35
C LEU B 84 -15.28 9.32 8.16
N ASP B 85 -15.97 10.47 8.08
CA ASP B 85 -15.82 11.45 6.96
C ASP B 85 -14.61 12.35 7.24
N GLU B 86 -14.01 12.24 8.42
CA GLU B 86 -12.80 13.01 8.79
C GLU B 86 -11.58 12.40 8.09
N GLN B 87 -10.48 13.14 8.04
CA GLN B 87 -9.20 12.61 7.50
C GLN B 87 -8.81 11.40 8.36
N ALA B 88 -8.33 10.34 7.72
CA ALA B 88 -8.01 9.08 8.42
C ALA B 88 -6.84 9.27 9.38
N ALA B 89 -5.84 10.06 8.99
CA ALA B 89 -4.59 10.16 9.78
C ALA B 89 -4.85 10.58 11.25
N THR B 90 -5.71 11.57 11.51
CA THR B 90 -6.02 12.04 12.90
CA THR B 90 -6.02 12.05 12.89
C THR B 90 -6.72 10.92 13.66
N LEU B 91 -7.57 10.15 12.97
CA LEU B 91 -8.24 8.98 13.59
C LEU B 91 -7.22 7.91 13.95
N VAL B 92 -6.25 7.66 13.09
CA VAL B 92 -5.19 6.68 13.40
C VAL B 92 -4.42 7.16 14.63
N ARG B 93 -4.03 8.44 14.66
CA ARG B 93 -3.25 8.98 15.81
C ARG B 93 -4.08 8.79 17.11
N GLU B 94 -5.37 9.07 17.07
CA GLU B 94 -6.30 8.91 18.23
C GLU B 94 -6.32 7.44 18.66
N ALA B 95 -6.50 6.51 17.70
CA ALA B 95 -6.51 5.06 17.93
C ALA B 95 -5.22 4.64 18.61
N LEU B 96 -4.07 5.10 18.13
CA LEU B 96 -2.76 4.68 18.69
C LEU B 96 -2.64 5.18 20.15
N LYS B 97 -3.01 6.44 20.41
CA LYS B 97 -2.95 7.09 21.76
C LYS B 97 -3.75 6.25 22.75
N VAL B 98 -4.95 5.84 22.36
CA VAL B 98 -5.92 5.05 23.18
C VAL B 98 -5.34 3.64 23.43
N SER B 99 -4.86 2.96 22.40
CA SER B 99 -4.45 1.53 22.49
C SER B 99 -3.03 1.38 23.03
N PHE B 100 -2.16 2.37 22.80
CA PHE B 100 -0.71 2.30 23.15
C PHE B 100 -0.30 3.60 23.86
N PRO B 101 -0.99 3.96 24.96
CA PRO B 101 -0.74 5.24 25.64
C PRO B 101 0.68 5.31 26.21
N CYS B 102 1.27 6.49 26.30
CA CYS B 102 2.65 6.65 26.84
C CYS B 102 2.64 6.69 28.39
N GLU B 103 2.88 7.80 29.06
CA GLU B 103 3.10 7.76 30.54
C GLU B 103 1.90 7.07 31.21
N MET C 2 -9.36 10.62 -36.64
CA MET C 2 -7.90 10.73 -36.31
C MET C 2 -7.34 9.34 -35.97
N ARG C 3 -6.27 8.93 -36.65
CA ARG C 3 -5.57 7.63 -36.44
C ARG C 3 -4.30 7.87 -35.61
N VAL C 4 -4.11 7.12 -34.53
CA VAL C 4 -2.90 7.17 -33.67
C VAL C 4 -2.42 5.75 -33.36
N ASN C 5 -1.14 5.45 -33.53
CA ASN C 5 -0.56 4.18 -33.03
C ASN C 5 -0.34 4.34 -31.52
N PHE C 6 -1.04 3.53 -30.72
CA PHE C 6 -0.90 3.52 -29.25
C PHE C 6 0.56 3.26 -28.85
N ASP C 7 1.27 2.33 -29.51
CA ASP C 7 2.66 1.99 -29.09
C ASP C 7 3.54 3.22 -29.29
N THR C 8 3.26 4.03 -30.31
CA THR C 8 4.05 5.26 -30.59
C THR C 8 3.73 6.29 -29.50
N LEU C 9 2.44 6.52 -29.25
CA LEU C 9 1.98 7.47 -28.22
C LEU C 9 2.61 7.14 -26.86
N TYR C 10 2.57 5.88 -26.46
CA TYR C 10 3.06 5.39 -25.14
C TYR C 10 4.57 5.56 -25.05
N SER C 11 5.29 5.16 -26.11
CA SER C 11 6.77 5.33 -26.20
C SER C 11 7.14 6.80 -26.02
N ASN C 12 6.27 7.75 -26.39
CA ASN C 12 6.58 9.20 -26.30
C ASN C 12 6.12 9.84 -24.97
N TYR C 13 5.50 9.07 -24.08
CA TYR C 13 4.86 9.62 -22.86
C TYR C 13 5.88 9.68 -21.72
N PRO C 14 6.13 10.86 -21.12
CA PRO C 14 6.92 10.97 -19.90
C PRO C 14 6.10 10.77 -18.62
N SER C 15 6.41 9.73 -17.86
CA SER C 15 5.63 9.32 -16.67
C SER C 15 6.08 10.10 -15.43
N SER C 16 5.18 10.40 -14.50
CA SER C 16 5.52 10.98 -13.17
C SER C 16 5.81 9.87 -12.13
N ASP C 17 5.75 8.60 -12.53
CA ASP C 17 5.89 7.42 -11.63
C ASP C 17 7.34 6.94 -11.69
N PRO C 18 8.13 7.13 -10.63
CA PRO C 18 9.52 6.66 -10.61
C PRO C 18 9.70 5.16 -10.89
N SER C 19 8.66 4.35 -10.70
CA SER C 19 8.73 2.90 -10.99
C SER C 19 8.69 2.63 -12.50
N HIS C 20 8.25 3.60 -13.31
CA HIS C 20 7.93 3.41 -14.74
C HIS C 20 9.18 3.60 -15.59
N PRO C 21 9.39 2.80 -16.65
CA PRO C 21 10.56 2.98 -17.51
C PRO C 21 10.72 4.40 -18.11
N ASN C 22 9.62 5.11 -18.33
CA ASN C 22 9.64 6.46 -18.95
C ASN C 22 9.52 7.55 -17.88
N TYR C 23 9.86 7.28 -16.60
CA TYR C 23 9.86 8.32 -15.54
C TYR C 23 10.70 9.53 -15.97
N LEU C 24 10.15 10.72 -15.71
CA LEU C 24 10.82 12.02 -15.84
C LEU C 24 10.21 12.94 -14.78
N SER C 25 11.02 13.39 -13.80
CA SER C 25 10.61 14.26 -12.67
C SER C 25 10.01 15.55 -13.23
N GLN C 26 9.24 16.28 -12.42
CA GLN C 26 8.70 17.59 -12.87
C GLN C 26 9.87 18.47 -13.30
N ARG C 27 10.96 18.46 -12.53
CA ARG C 27 12.17 19.30 -12.76
C ARG C 27 12.73 18.99 -14.16
N ASP C 28 12.88 17.71 -14.49
CA ASP C 28 13.43 17.30 -15.81
C ASP C 28 12.40 17.55 -16.92
N LEU C 29 11.14 17.23 -16.69
CA LEU C 29 10.08 17.46 -17.71
C LEU C 29 10.09 18.94 -18.13
N PHE C 30 10.07 19.85 -17.17
CA PHE C 30 9.98 21.31 -17.42
C PHE C 30 11.28 21.77 -18.09
N THR C 31 12.44 21.19 -17.70
CA THR C 31 13.73 21.53 -18.36
C THR C 31 13.64 21.14 -19.84
N GLU C 32 13.13 19.96 -20.17
CA GLU C 32 13.16 19.50 -21.57
C GLU C 32 12.41 20.53 -22.43
N ILE C 33 11.30 21.08 -21.93
CA ILE C 33 10.38 21.93 -22.76
C ILE C 33 10.63 23.41 -22.51
N GLY C 34 11.58 23.75 -21.63
CA GLY C 34 12.02 25.16 -21.45
C GLY C 34 11.15 25.90 -20.46
N TRP C 35 10.55 25.19 -19.50
CA TRP C 35 9.67 25.81 -18.48
C TRP C 35 10.35 25.80 -17.11
N GLU C 36 11.68 25.90 -17.07
CA GLU C 36 12.44 25.85 -15.80
C GLU C 36 11.86 26.84 -14.79
N SER C 37 11.41 27.99 -15.25
CA SER C 37 10.93 29.10 -14.37
C SER C 37 9.61 28.74 -13.70
N PHE C 38 8.88 27.71 -14.15
CA PHE C 38 7.63 27.24 -13.49
C PHE C 38 7.89 26.14 -12.45
N ILE C 39 9.13 25.64 -12.31
CA ILE C 39 9.40 24.49 -11.41
C ILE C 39 9.12 24.97 -9.98
N GLY C 40 8.13 24.39 -9.30
CA GLY C 40 7.78 24.75 -7.92
C GLY C 40 6.83 25.93 -7.83
N ASN C 41 6.45 26.53 -8.96
CA ASN C 41 5.31 27.48 -9.04
C ASN C 41 4.03 26.69 -8.81
N PRO C 42 3.20 27.06 -7.80
CA PRO C 42 2.06 26.23 -7.39
C PRO C 42 0.98 26.09 -8.47
N ASN C 43 0.98 26.95 -9.49
CA ASN C 43 0.01 26.81 -10.62
C ASN C 43 0.42 25.66 -11.52
N TYR C 44 1.63 25.11 -11.37
CA TYR C 44 2.19 24.09 -12.31
C TYR C 44 2.51 22.78 -11.60
N HIS C 45 1.98 22.58 -10.38
CA HIS C 45 2.22 21.33 -9.62
C HIS C 45 1.68 20.10 -10.38
N ASN C 46 0.51 20.25 -11.01
CA ASN C 46 -0.25 19.12 -11.60
C ASN C 46 0.17 19.00 -13.07
N THR C 47 0.93 17.96 -13.41
CA THR C 47 1.64 17.84 -14.72
C THR C 47 0.92 16.90 -15.67
N CYS C 48 -0.22 16.30 -15.29
CA CYS C 48 -0.80 15.15 -16.06
C CYS C 48 -1.11 15.57 -17.49
N ALA C 49 -1.70 16.77 -17.70
CA ALA C 49 -2.13 17.22 -19.05
C ALA C 49 -0.92 17.66 -19.91
N ILE C 50 0.12 18.23 -19.29
CA ILE C 50 1.44 18.49 -19.96
C ILE C 50 2.02 17.18 -20.49
N ARG C 51 2.02 16.13 -19.67
CA ARG C 51 2.66 14.84 -20.02
C ARG C 51 1.87 14.23 -21.19
N VAL C 52 0.53 14.26 -21.15
CA VAL C 52 -0.27 13.68 -22.27
C VAL C 52 -0.11 14.56 -23.53
N SER C 53 -0.10 15.88 -23.41
CA SER C 53 0.16 16.81 -24.55
C SER C 53 1.47 16.45 -25.25
N ILE C 54 2.54 16.24 -24.49
CA ILE C 54 3.90 15.94 -25.04
C ILE C 54 3.87 14.61 -25.80
N ALA C 55 3.21 13.59 -25.25
CA ALA C 55 3.07 12.29 -25.92
C ALA C 55 2.47 12.49 -27.33
N PHE C 56 1.41 13.29 -27.44
CA PHE C 56 0.72 13.56 -28.74
C PHE C 56 1.65 14.35 -29.67
N VAL C 57 2.19 15.47 -29.21
CA VAL C 57 3.11 16.32 -30.01
C VAL C 57 4.25 15.47 -30.56
N LYS C 58 4.91 14.67 -29.74
CA LYS C 58 6.10 13.90 -30.20
C LYS C 58 5.65 12.80 -31.16
N SER C 59 4.37 12.45 -31.15
CA SER C 59 3.81 11.44 -32.08
C SER C 59 3.29 12.14 -33.35
N GLY C 60 3.51 13.45 -33.48
CA GLY C 60 3.18 14.22 -34.70
C GLY C 60 1.76 14.75 -34.67
N ILE C 61 1.14 14.85 -33.49
CA ILE C 61 -0.25 15.36 -33.34
C ILE C 61 -0.17 16.61 -32.47
N ASN C 62 -0.41 17.78 -33.06
CA ASN C 62 -0.31 19.05 -32.30
C ASN C 62 -1.62 19.24 -31.53
N ILE C 63 -1.51 19.91 -30.39
CA ILE C 63 -2.63 20.21 -29.46
C ILE C 63 -3.06 21.64 -29.77
N VAL C 64 -4.22 21.81 -30.46
CA VAL C 64 -4.76 23.11 -30.94
C VAL C 64 -6.27 23.17 -30.67
N PRO C 65 -6.78 24.18 -29.93
CA PRO C 65 -5.95 25.21 -29.32
C PRO C 65 -5.17 24.70 -28.12
N SER C 66 -4.31 25.56 -27.54
CA SER C 66 -3.49 25.21 -26.34
C SER C 66 -3.32 26.43 -25.45
N SER C 67 -3.21 26.22 -24.15
CA SER C 67 -2.91 27.29 -23.16
C SER C 67 -1.45 27.77 -23.33
N HIS C 68 -0.53 26.88 -23.72
CA HIS C 68 0.93 27.11 -23.64
C HIS C 68 1.65 26.49 -24.82
N ARG C 69 2.95 26.78 -24.93
CA ARG C 69 3.82 26.24 -25.99
C ARG C 69 5.13 25.74 -25.39
N ILE C 70 5.67 24.68 -26.01
CA ILE C 70 7.07 24.19 -25.80
C ILE C 70 8.00 25.31 -26.26
N GLN C 71 8.94 25.70 -25.40
CA GLN C 71 9.83 26.86 -25.57
C GLN C 71 11.23 26.44 -26.03
N LYS C 72 11.51 25.14 -26.16
CA LYS C 72 12.89 24.65 -26.41
C LYS C 72 12.86 23.31 -27.15
N GLY C 73 13.84 23.10 -28.03
CA GLY C 73 14.18 21.77 -28.57
C GLY C 73 13.49 21.50 -29.90
N PRO C 74 13.50 20.25 -30.39
CA PRO C 74 12.93 19.93 -31.70
C PRO C 74 11.44 20.28 -31.84
N TYR C 75 10.70 20.44 -30.73
CA TYR C 75 9.22 20.66 -30.73
C TYR C 75 8.89 22.08 -30.22
N ALA C 76 9.88 22.98 -30.22
CA ALA C 76 9.66 24.40 -29.86
C ALA C 76 8.50 24.96 -30.71
N GLY C 77 7.59 25.70 -30.10
CA GLY C 77 6.41 26.28 -30.78
C GLY C 77 5.20 25.35 -30.72
N LYS C 78 5.34 24.04 -30.48
CA LYS C 78 4.15 23.14 -30.48
C LYS C 78 3.31 23.38 -29.22
N GLY C 79 2.00 23.14 -29.27
CA GLY C 79 1.05 23.48 -28.18
C GLY C 79 1.01 22.43 -27.07
N ILE C 80 0.92 22.90 -25.81
CA ILE C 80 0.73 22.10 -24.57
C ILE C 80 -0.55 22.63 -23.91
N GLU C 81 -1.50 21.76 -23.60
CA GLU C 81 -2.65 22.13 -22.72
C GLU C 81 -2.30 21.74 -21.29
N VAL C 82 -2.31 22.69 -20.37
CA VAL C 82 -1.87 22.42 -18.96
C VAL C 82 -3.07 21.98 -18.12
N ASN C 83 -4.29 22.24 -18.55
CA ASN C 83 -5.52 22.07 -17.74
C ASN C 83 -6.13 20.73 -18.15
N MET C 84 -6.29 19.83 -17.17
CA MET C 84 -6.77 18.46 -17.48
C MET C 84 -8.18 18.51 -18.07
N ARG C 85 -9.07 19.33 -17.52
CA ARG C 85 -10.48 19.45 -18.02
C ARG C 85 -10.48 19.91 -19.49
N ARG C 86 -9.72 20.96 -19.81
CA ARG C 86 -9.62 21.47 -21.20
C ARG C 86 -9.00 20.43 -22.12
N LEU C 87 -7.97 19.68 -21.68
CA LEU C 87 -7.39 18.64 -22.56
C LEU C 87 -8.44 17.55 -22.81
N ALA C 88 -9.18 17.11 -21.79
CA ALA C 88 -10.20 16.03 -21.92
C ALA C 88 -11.29 16.47 -22.91
N THR C 89 -11.72 17.73 -22.80
CA THR C 89 -12.66 18.39 -23.75
C THR C 89 -12.11 18.32 -25.19
N LEU C 90 -10.85 18.71 -25.39
CA LEU C 90 -10.23 18.70 -26.73
C LEU C 90 -10.20 17.29 -27.28
N MET C 91 -9.82 16.31 -26.44
CA MET C 91 -9.66 14.92 -26.91
C MET C 91 -11.01 14.39 -27.39
N LYS C 92 -12.11 14.91 -26.82
CA LYS C 92 -13.51 14.47 -27.10
C LYS C 92 -13.93 14.90 -28.51
N ARG C 93 -13.27 15.92 -29.09
CA ARG C 93 -13.64 16.44 -30.44
C ARG C 93 -13.44 15.34 -31.46
N THR C 94 -14.30 15.34 -32.49
CA THR C 94 -14.30 14.33 -33.58
C THR C 94 -12.94 14.41 -34.30
N SER C 95 -12.28 15.58 -34.34
CA SER C 95 -10.97 15.69 -35.03
C SER C 95 -9.85 15.10 -34.17
N TYR C 96 -10.04 14.90 -32.86
CA TYR C 96 -9.04 14.19 -32.02
C TYR C 96 -9.50 12.74 -31.84
N LEU C 97 -9.99 12.36 -30.65
CA LEU C 97 -10.29 10.94 -30.33
C LEU C 97 -11.80 10.64 -30.45
N GLY C 98 -12.63 11.70 -30.45
CA GLY C 98 -14.10 11.54 -30.51
C GLY C 98 -14.67 11.16 -29.15
N GLU C 99 -15.90 10.61 -29.15
CA GLU C 99 -16.66 10.30 -27.92
C GLU C 99 -15.95 9.16 -27.20
N PRO C 100 -15.64 9.32 -25.91
CA PRO C 100 -15.07 8.22 -25.12
C PRO C 100 -16.19 7.28 -24.63
N ASP C 101 -15.82 6.11 -24.11
CA ASP C 101 -16.73 5.24 -23.34
C ASP C 101 -16.76 5.77 -21.90
N PRO C 102 -17.90 6.28 -21.37
CA PRO C 102 -17.96 6.69 -19.96
C PRO C 102 -18.20 5.50 -19.02
N TYR C 103 -17.45 5.44 -17.91
CA TYR C 103 -17.58 4.39 -16.88
C TYR C 103 -17.65 5.01 -15.49
N THR C 104 -17.91 4.12 -14.54
CA THR C 104 -17.92 4.37 -13.08
C THR C 104 -16.78 3.58 -12.45
N PRO C 105 -16.35 3.92 -11.23
CA PRO C 105 -15.34 3.13 -10.54
C PRO C 105 -15.61 1.63 -10.56
N ALA C 106 -16.87 1.19 -10.36
CA ALA C 106 -17.17 -0.26 -10.26
C ALA C 106 -17.13 -0.92 -11.65
N THR C 107 -17.14 -0.14 -12.76
CA THR C 107 -17.21 -0.71 -14.14
C THR C 107 -15.95 -0.43 -14.99
N ALA C 108 -15.10 0.52 -14.63
CA ALA C 108 -14.00 0.95 -15.51
C ALA C 108 -13.03 -0.19 -15.80
N ARG C 109 -12.72 -1.06 -14.83
CA ARG C 109 -11.69 -2.11 -15.06
C ARG C 109 -12.18 -3.11 -16.13
N ASN C 110 -13.41 -3.62 -16.01
CA ASN C 110 -13.98 -4.58 -16.99
C ASN C 110 -14.36 -3.84 -18.28
N GLY C 111 -14.79 -2.58 -18.18
CA GLY C 111 -15.05 -1.70 -19.34
C GLY C 111 -13.84 -1.54 -20.25
N ILE C 112 -12.69 -1.12 -19.71
CA ILE C 112 -11.38 -1.04 -20.43
C ILE C 112 -10.99 -2.44 -20.93
N GLY C 113 -11.03 -3.44 -20.06
CA GLY C 113 -10.73 -4.83 -20.45
C GLY C 113 -9.29 -4.98 -20.89
N ALA C 114 -9.07 -5.58 -22.06
CA ALA C 114 -7.72 -5.84 -22.60
C ALA C 114 -7.29 -4.68 -23.52
N ARG C 115 -8.11 -3.62 -23.59
CA ARG C 115 -7.90 -2.47 -24.50
C ARG C 115 -6.85 -1.53 -23.87
N ASN C 116 -6.19 -0.77 -24.73
CA ASN C 116 -5.19 0.27 -24.38
C ASN C 116 -5.76 1.58 -24.92
N GLY C 117 -5.47 2.67 -24.24
CA GLY C 117 -5.90 3.99 -24.74
C GLY C 117 -5.66 5.12 -23.77
N VAL C 118 -6.41 6.19 -23.93
CA VAL C 118 -6.31 7.39 -23.09
C VAL C 118 -7.44 7.31 -22.08
N VAL C 119 -7.19 7.73 -20.84
CA VAL C 119 -8.20 7.65 -19.76
C VAL C 119 -8.24 8.99 -19.04
N ALA C 120 -9.44 9.43 -18.69
CA ALA C 120 -9.69 10.63 -17.87
C ALA C 120 -10.52 10.24 -16.66
N PHE C 121 -9.96 10.50 -15.47
CA PHE C 121 -10.59 10.31 -14.16
C PHE C 121 -11.12 11.68 -13.76
N ASN C 122 -12.44 11.87 -13.81
CA ASN C 122 -13.08 13.18 -13.61
C ASN C 122 -13.55 13.34 -12.16
N ASN C 123 -13.20 14.44 -11.51
CA ASN C 123 -13.67 14.84 -10.15
C ASN C 123 -13.21 13.82 -9.11
N ILE C 124 -11.97 13.94 -8.70
CA ILE C 124 -11.32 13.06 -7.68
C ILE C 124 -11.57 13.58 -6.27
N PRO C 125 -12.16 12.75 -5.39
CA PRO C 125 -12.31 13.11 -3.98
C PRO C 125 -11.04 13.60 -3.27
N GLY C 126 -11.06 14.85 -2.75
CA GLY C 126 -9.92 15.45 -2.04
C GLY C 126 -9.06 16.27 -2.98
N TYR C 127 -9.42 16.33 -4.26
CA TYR C 127 -8.65 17.11 -5.27
C TYR C 127 -9.62 17.95 -6.10
N THR C 128 -9.45 19.27 -6.09
CA THR C 128 -10.37 20.29 -6.67
C THR C 128 -10.08 20.53 -8.17
N GLY C 129 -8.89 20.15 -8.66
CA GLY C 129 -8.58 20.09 -10.10
C GLY C 129 -9.63 19.31 -10.88
N GLY C 130 -9.65 19.43 -12.22
CA GLY C 130 -10.53 18.68 -13.14
C GLY C 130 -10.46 17.17 -12.92
N GLY C 131 -9.31 16.67 -12.43
CA GLY C 131 -9.05 15.23 -12.34
C GLY C 131 -7.74 14.89 -13.01
N HIS C 132 -7.62 13.67 -13.50
CA HIS C 132 -6.33 13.10 -13.97
C HIS C 132 -6.55 12.53 -15.36
N ILE C 133 -5.64 12.85 -16.27
CA ILE C 133 -5.63 12.23 -17.63
C ILE C 133 -4.31 11.51 -17.84
N ASP C 134 -4.35 10.38 -18.52
CA ASP C 134 -3.22 9.44 -18.51
C ASP C 134 -3.41 8.48 -19.67
N LEU C 135 -2.41 7.63 -19.90
CA LEU C 135 -2.48 6.48 -20.83
C LEU C 135 -2.64 5.22 -20.00
N VAL C 136 -3.43 4.29 -20.49
CA VAL C 136 -3.74 3.07 -19.72
C VAL C 136 -3.53 1.85 -20.62
N ARG C 137 -3.00 0.79 -20.04
CA ARG C 137 -2.93 -0.56 -20.65
C ARG C 137 -3.84 -1.49 -19.84
N GLY C 138 -4.88 -2.03 -20.47
CA GLY C 138 -5.70 -3.11 -19.89
C GLY C 138 -4.93 -4.41 -19.91
N GLY C 139 -5.00 -5.18 -18.83
CA GLY C 139 -4.36 -6.50 -18.74
C GLY C 139 -5.24 -7.43 -17.94
N SER C 140 -4.82 -8.68 -17.79
CA SER C 140 -5.60 -9.73 -17.09
C SER C 140 -5.65 -9.42 -15.59
N GLU C 141 -4.53 -8.91 -15.05
CA GLU C 141 -4.28 -8.76 -13.58
C GLU C 141 -4.83 -7.41 -13.09
N ALA C 142 -4.71 -6.35 -13.90
CA ALA C 142 -5.07 -4.97 -13.48
C ALA C 142 -5.01 -4.04 -14.67
N THR C 143 -5.69 -2.90 -14.56
CA THR C 143 -5.41 -1.72 -15.43
C THR C 143 -4.13 -1.09 -14.91
N GLN C 144 -3.23 -0.72 -15.80
CA GLN C 144 -2.00 -0.01 -15.43
C GLN C 144 -1.99 1.32 -16.19
N CYS C 145 -2.10 2.41 -15.45
CA CYS C 145 -1.89 3.76 -15.98
C CYS C 145 -0.38 4.03 -15.99
N ALA C 146 0.05 4.82 -16.94
CA ALA C 146 1.46 5.19 -17.11
C ALA C 146 1.97 6.00 -15.93
N SER C 147 1.15 6.90 -15.37
CA SER C 147 1.51 7.75 -14.21
C SER C 147 0.73 7.39 -12.94
N ALA C 148 -0.59 7.26 -13.02
CA ALA C 148 -1.43 6.98 -11.82
C ALA C 148 -2.86 6.70 -12.26
N CYS C 149 -3.58 5.85 -11.53
CA CYS C 149 -5.02 5.60 -11.76
CA CYS C 149 -5.02 5.60 -11.75
C CYS C 149 -5.79 6.18 -10.55
N TYR C 150 -6.98 6.73 -10.76
CA TYR C 150 -7.81 7.34 -9.68
C TYR C 150 -9.24 6.80 -9.80
N TYR C 151 -9.42 5.53 -9.46
CA TYR C 151 -10.76 4.88 -9.50
C TYR C 151 -11.64 5.48 -8.40
N ASN C 152 -11.12 6.34 -7.52
CA ASN C 152 -11.97 7.06 -6.53
C ASN C 152 -12.73 8.21 -7.21
N SER C 153 -12.63 8.36 -8.54
CA SER C 153 -13.23 9.49 -9.28
C SER C 153 -14.72 9.22 -9.51
N GLU C 154 -15.46 10.28 -9.83
CA GLU C 154 -16.93 10.26 -10.09
C GLU C 154 -17.24 9.53 -11.40
N THR C 155 -16.58 9.93 -12.50
CA THR C 155 -16.72 9.27 -13.82
C THR C 155 -15.33 9.03 -14.38
N ILE C 156 -15.23 8.02 -15.22
CA ILE C 156 -13.98 7.64 -15.91
C ILE C 156 -14.30 7.60 -17.40
N TRP C 157 -13.56 8.36 -18.20
CA TRP C 157 -13.70 8.31 -19.66
C TRP C 157 -12.56 7.49 -20.24
N PHE C 158 -12.88 6.56 -21.10
CA PHE C 158 -11.87 5.73 -21.82
C PHE C 158 -12.02 5.93 -23.32
N TRP C 159 -10.91 6.30 -23.98
CA TRP C 159 -10.77 6.31 -25.47
C TRP C 159 -9.88 5.14 -25.89
N PRO C 160 -10.44 4.03 -26.41
CA PRO C 160 -9.61 2.91 -26.87
C PRO C 160 -8.82 3.26 -28.15
N LEU C 161 -7.57 2.82 -28.25
CA LEU C 161 -6.67 3.02 -29.42
C LEU C 161 -6.07 1.69 -29.89
N GLN C 162 -5.91 0.75 -28.97
CA GLN C 162 -5.40 -0.64 -29.21
C GLN C 162 -6.30 -1.61 -28.42
N ALA C 163 -6.38 -2.88 -28.86
CA ALA C 163 -7.18 -3.94 -28.20
C ALA C 163 -6.25 -5.03 -27.65
N SER C 164 -4.93 -4.77 -27.66
CA SER C 164 -3.88 -5.79 -27.43
C SER C 164 -2.54 -5.13 -27.11
N MET D 2 4.14 -36.53 13.81
CA MET D 2 2.78 -35.98 13.99
C MET D 2 2.25 -35.53 12.62
N ARG D 3 1.04 -35.97 12.25
CA ARG D 3 0.33 -35.54 11.02
C ARG D 3 -0.86 -34.70 11.49
N VAL D 4 -1.13 -33.58 10.83
CA VAL D 4 -2.35 -32.75 11.05
C VAL D 4 -2.88 -32.32 9.67
N ASN D 5 -4.19 -32.33 9.49
CA ASN D 5 -4.85 -31.83 8.26
C ASN D 5 -4.76 -30.29 8.25
N PHE D 6 -4.07 -29.75 7.26
CA PHE D 6 -3.91 -28.28 7.07
C PHE D 6 -5.30 -27.61 7.00
N ASP D 7 -6.28 -28.17 6.31
CA ASP D 7 -7.60 -27.50 6.16
C ASP D 7 -8.25 -27.39 7.54
N THR D 8 -8.03 -28.38 8.41
CA THR D 8 -8.58 -28.38 9.80
C THR D 8 -7.86 -27.30 10.60
N LEU D 9 -6.53 -27.30 10.56
CA LEU D 9 -5.69 -26.31 11.28
C LEU D 9 -6.10 -24.89 10.90
N TYR D 10 -6.25 -24.61 9.60
CA TYR D 10 -6.58 -23.27 9.05
C TYR D 10 -7.98 -22.85 9.48
N SER D 11 -8.94 -23.77 9.36
CA SER D 11 -10.35 -23.53 9.80
C SER D 11 -10.38 -23.15 11.29
N ASN D 12 -9.41 -23.60 12.09
CA ASN D 12 -9.38 -23.32 13.56
C ASN D 12 -8.55 -22.08 13.92
N TYR D 13 -7.95 -21.41 12.94
CA TYR D 13 -6.99 -20.30 13.20
C TYR D 13 -7.75 -18.97 13.29
N PRO D 14 -7.64 -18.24 14.42
CA PRO D 14 -8.16 -16.87 14.52
C PRO D 14 -7.17 -15.81 13.99
N SER D 15 -7.54 -15.11 12.93
CA SER D 15 -6.65 -14.15 12.24
C SER D 15 -6.71 -12.78 12.92
N SER D 16 -5.61 -12.02 12.93
CA SER D 16 -5.58 -10.60 13.39
C SER D 16 -5.88 -9.63 12.22
N ASP D 17 -6.17 -10.14 11.02
CA ASP D 17 -6.38 -9.34 9.79
C ASP D 17 -7.89 -9.16 9.59
N PRO D 18 -8.42 -7.94 9.79
CA PRO D 18 -9.85 -7.68 9.59
C PRO D 18 -10.40 -8.06 8.19
N SER D 19 -9.53 -8.16 7.19
CA SER D 19 -9.94 -8.56 5.83
C SER D 19 -10.23 -10.06 5.76
N HIS D 20 -9.76 -10.85 6.72
CA HIS D 20 -9.74 -12.34 6.66
C HIS D 20 -11.06 -12.89 7.18
N PRO D 21 -11.62 -13.95 6.58
CA PRO D 21 -12.87 -14.53 7.09
C PRO D 21 -12.84 -14.96 8.57
N ASN D 22 -11.68 -15.32 9.10
CA ASN D 22 -11.53 -15.81 10.50
C ASN D 22 -10.99 -14.68 11.40
N TYR D 23 -11.15 -13.41 11.03
CA TYR D 23 -10.73 -12.27 11.90
C TYR D 23 -11.36 -12.41 13.29
N LEU D 24 -10.54 -12.15 14.31
CA LEU D 24 -10.95 -12.04 15.72
C LEU D 24 -9.98 -11.05 16.36
N SER D 25 -10.48 -9.90 16.84
CA SER D 25 -9.69 -8.80 17.47
C SER D 25 -8.97 -9.38 18.70
N GLN D 26 -7.94 -8.68 19.18
CA GLN D 26 -7.22 -9.13 20.40
C GLN D 26 -8.25 -9.26 21.53
N ARG D 27 -9.17 -8.29 21.64
CA ARG D 27 -10.18 -8.21 22.72
C ARG D 27 -11.03 -9.49 22.68
N ASP D 28 -11.51 -9.89 21.50
CA ASP D 28 -12.36 -11.10 21.36
C ASP D 28 -11.52 -12.36 21.54
N LEU D 29 -10.33 -12.42 20.96
CA LEU D 29 -9.44 -13.61 21.10
C LEU D 29 -9.22 -13.91 22.61
N PHE D 30 -8.84 -12.89 23.36
CA PHE D 30 -8.48 -13.04 24.81
C PHE D 30 -9.76 -13.39 25.58
N THR D 31 -10.93 -12.84 25.18
CA THR D 31 -12.22 -13.19 25.84
C THR D 31 -12.49 -14.68 25.62
N GLU D 32 -12.30 -15.21 24.41
CA GLU D 32 -12.67 -16.61 24.14
C GLU D 32 -11.88 -17.52 25.10
N ILE D 33 -10.62 -17.20 25.38
CA ILE D 33 -9.71 -18.13 26.13
C ILE D 33 -9.60 -17.70 27.61
N GLY D 34 -10.29 -16.64 28.01
CA GLY D 34 -10.39 -16.26 29.42
C GLY D 34 -9.23 -15.40 29.87
N TRP D 35 -8.61 -14.64 28.96
CA TRP D 35 -7.46 -13.77 29.27
C TRP D 35 -7.86 -12.30 29.22
N GLU D 36 -9.11 -11.99 29.55
CA GLU D 36 -9.63 -10.59 29.48
C GLU D 36 -8.67 -9.65 30.23
N SER D 37 -8.10 -10.11 31.35
CA SER D 37 -7.25 -9.27 32.23
C SER D 37 -5.91 -8.92 31.57
N PHE D 38 -5.51 -9.59 30.48
CA PHE D 38 -4.28 -9.24 29.72
C PHE D 38 -4.55 -8.26 28.57
N ILE D 39 -5.80 -7.90 28.30
CA ILE D 39 -6.12 -7.03 27.11
C ILE D 39 -5.48 -5.67 27.38
N GLY D 40 -4.50 -5.27 26.56
CA GLY D 40 -3.81 -3.97 26.70
C GLY D 40 -2.64 -4.02 27.67
N ASN D 41 -2.38 -5.18 28.29
CA ASN D 41 -1.10 -5.44 29.00
C ASN D 41 0.01 -5.55 27.94
N PRO D 42 1.08 -4.73 28.03
CA PRO D 42 2.07 -4.64 26.96
C PRO D 42 2.86 -5.93 26.72
N ASN D 43 2.83 -6.87 27.66
CA ASN D 43 3.50 -8.19 27.47
C ASN D 43 2.67 -9.06 26.50
N TYR D 44 1.42 -8.66 26.20
CA TYR D 44 0.49 -9.51 25.42
C TYR D 44 0.04 -8.81 24.12
N HIS D 45 0.75 -7.75 23.71
CA HIS D 45 0.39 -6.98 22.49
C HIS D 45 0.53 -7.89 21.25
N ASN D 46 1.57 -8.73 21.22
CA ASN D 46 1.95 -9.53 20.05
C ASN D 46 1.27 -10.90 20.19
N THR D 47 0.25 -11.16 19.37
CA THR D 47 -0.70 -12.30 19.56
C THR D 47 -0.36 -13.46 18.63
N CYS D 48 0.68 -13.38 17.78
CA CYS D 48 0.87 -14.34 16.67
C CYS D 48 0.99 -15.77 17.20
N ALA D 49 1.75 -15.99 18.27
CA ALA D 49 2.02 -17.35 18.82
C ALA D 49 0.79 -17.91 19.57
N ILE D 50 0.02 -17.05 20.24
CA ILE D 50 -1.32 -17.41 20.82
C ILE D 50 -2.24 -17.91 19.72
N ARG D 51 -2.30 -17.20 18.59
CA ARG D 51 -3.25 -17.54 17.50
C ARG D 51 -2.84 -18.89 16.91
N VAL D 52 -1.53 -19.12 16.68
CA VAL D 52 -1.08 -20.42 16.12
C VAL D 52 -1.29 -21.55 17.16
N SER D 53 -1.00 -21.32 18.44
CA SER D 53 -1.26 -22.30 19.53
C SER D 53 -2.73 -22.74 19.50
N ILE D 54 -3.67 -21.80 19.40
CA ILE D 54 -5.13 -22.09 19.44
C ILE D 54 -5.52 -22.95 18.25
N ALA D 55 -5.00 -22.63 17.05
CA ALA D 55 -5.27 -23.42 15.84
C ALA D 55 -4.91 -24.90 16.10
N PHE D 56 -3.75 -25.15 16.70
CA PHE D 56 -3.26 -26.54 16.98
C PHE D 56 -4.16 -27.21 18.03
N VAL D 57 -4.35 -26.56 19.17
CA VAL D 57 -5.20 -27.07 20.27
C VAL D 57 -6.56 -27.47 19.72
N LYS D 58 -7.23 -26.59 18.98
CA LYS D 58 -8.62 -26.86 18.50
C LYS D 58 -8.60 -27.97 17.46
N SER D 59 -7.43 -28.26 16.87
CA SER D 59 -7.28 -29.35 15.88
C SER D 59 -6.85 -30.63 16.62
N GLY D 60 -6.82 -30.62 17.95
CA GLY D 60 -6.55 -31.82 18.77
C GLY D 60 -5.07 -32.04 19.02
N ILE D 61 -4.25 -31.00 18.86
CA ILE D 61 -2.77 -31.08 19.09
C ILE D 61 -2.44 -30.11 20.22
N ASN D 62 -2.08 -30.63 21.39
CA ASN D 62 -1.78 -29.78 22.55
C ASN D 62 -0.35 -29.26 22.40
N ILE D 63 -0.11 -28.07 22.94
CA ILE D 63 1.20 -27.36 22.93
C ILE D 63 1.86 -27.64 24.28
N VAL D 64 2.86 -28.54 24.31
CA VAL D 64 3.50 -29.06 25.56
C VAL D 64 5.02 -29.13 25.37
N PRO D 65 5.82 -28.46 26.23
CA PRO D 65 5.33 -27.63 27.31
C PRO D 65 4.76 -26.31 26.78
N SER D 66 4.30 -25.41 27.64
CA SER D 66 3.68 -24.12 27.25
C SER D 66 3.90 -23.10 28.37
N SER D 67 3.97 -21.81 28.02
CA SER D 67 4.08 -20.70 29.00
C SER D 67 2.76 -20.53 29.76
N HIS D 68 1.62 -20.80 29.11
CA HIS D 68 0.28 -20.43 29.63
C HIS D 68 -0.75 -21.49 29.28
N ARG D 69 -1.96 -21.32 29.83
CA ARG D 69 -3.10 -22.23 29.58
C ARG D 69 -4.36 -21.41 29.25
N ILE D 70 -5.21 -22.00 28.41
CA ILE D 70 -6.61 -21.57 28.16
C ILE D 70 -7.35 -21.71 29.49
N GLN D 71 -8.04 -20.66 29.90
CA GLN D 71 -8.67 -20.52 31.23
C GLN D 71 -10.19 -20.72 31.13
N LYS D 72 -10.75 -20.93 29.94
CA LYS D 72 -12.23 -20.94 29.74
C LYS D 72 -12.60 -21.78 28.53
N GLY D 73 -13.74 -22.48 28.62
CA GLY D 73 -14.44 -23.05 27.45
C GLY D 73 -14.07 -24.51 27.24
N PRO D 74 -14.45 -25.11 26.09
CA PRO D 74 -14.20 -26.53 25.84
C PRO D 74 -12.70 -26.91 25.90
N TYR D 75 -11.77 -25.96 25.77
CA TYR D 75 -10.30 -26.22 25.69
C TYR D 75 -9.60 -25.69 26.95
N ALA D 76 -10.35 -25.40 28.02
CA ALA D 76 -9.77 -24.98 29.32
C ALA D 76 -8.70 -25.99 29.75
N GLY D 77 -7.55 -25.52 30.22
CA GLY D 77 -6.41 -26.37 30.62
C GLY D 77 -5.46 -26.70 29.49
N LYS D 78 -5.82 -26.51 28.21
CA LYS D 78 -4.86 -26.78 27.09
C LYS D 78 -3.79 -25.69 27.06
N GLY D 79 -2.58 -26.02 26.58
CA GLY D 79 -1.41 -25.12 26.60
C GLY D 79 -1.40 -24.10 25.45
N ILE D 80 -0.98 -22.86 25.75
CA ILE D 80 -0.74 -21.75 24.78
C ILE D 80 0.72 -21.32 24.99
N GLU D 81 1.53 -21.28 23.92
CA GLU D 81 2.86 -20.63 23.98
C GLU D 81 2.70 -19.19 23.48
N VAL D 82 3.05 -18.21 24.29
CA VAL D 82 2.83 -16.78 23.95
C VAL D 82 4.03 -16.22 23.18
N ASN D 83 5.20 -16.86 23.26
CA ASN D 83 6.48 -16.32 22.75
C ASN D 83 6.73 -16.95 21.40
N MET D 84 6.86 -16.11 20.36
CA MET D 84 7.00 -16.63 18.98
C MET D 84 8.26 -17.48 18.85
N ARG D 85 9.38 -17.04 19.42
CA ARG D 85 10.68 -17.79 19.34
C ARG D 85 10.51 -19.18 19.98
N ARG D 86 9.94 -19.24 21.18
CA ARG D 86 9.71 -20.53 21.91
C ARG D 86 8.75 -21.40 21.11
N LEU D 87 7.68 -20.84 20.52
CA LEU D 87 6.75 -21.69 19.72
C LEU D 87 7.50 -22.25 18.50
N ALA D 88 8.31 -21.44 17.81
CA ALA D 88 9.04 -21.87 16.59
C ALA D 88 10.03 -23.02 16.96
N THR D 89 10.71 -22.86 18.09
CA THR D 89 11.59 -23.91 18.71
C THR D 89 10.80 -25.20 18.93
N LEU D 90 9.63 -25.12 19.57
CA LEU D 90 8.80 -26.30 19.86
C LEU D 90 8.39 -26.99 18.56
N MET D 91 7.97 -26.21 17.56
CA MET D 91 7.47 -26.77 16.29
C MET D 91 8.59 -27.56 15.61
N LYS D 92 9.84 -27.17 15.85
CA LYS D 92 11.07 -27.74 15.21
C LYS D 92 11.32 -29.16 15.77
N ARG D 93 10.80 -29.48 16.95
CA ARG D 93 11.06 -30.79 17.60
C ARG D 93 10.45 -31.89 16.74
N THR D 94 11.11 -33.04 16.73
CA THR D 94 10.72 -34.24 15.93
C THR D 94 9.31 -34.67 16.35
N SER D 95 8.91 -34.43 17.60
CA SER D 95 7.57 -34.77 18.14
C SER D 95 6.49 -33.87 17.51
N TYR D 96 6.85 -32.65 17.09
CA TYR D 96 5.88 -31.73 16.43
C TYR D 96 6.09 -31.81 14.91
N LEU D 97 6.67 -30.78 14.29
CA LEU D 97 6.75 -30.67 12.81
C LEU D 97 8.15 -31.01 12.31
N GLY D 98 9.15 -31.04 13.20
CA GLY D 98 10.55 -31.34 12.81
C GLY D 98 11.23 -30.13 12.18
N GLU D 99 12.34 -30.39 11.49
CA GLU D 99 13.18 -29.33 10.84
C GLU D 99 12.37 -28.74 9.70
N PRO D 100 12.22 -27.40 9.67
CA PRO D 100 11.54 -26.73 8.55
C PRO D 100 12.49 -26.55 7.37
N ASP D 101 11.99 -26.09 6.23
CA ASP D 101 12.82 -25.61 5.10
C ASP D 101 13.22 -24.16 5.40
N PRO D 102 14.50 -23.80 5.62
CA PRO D 102 14.89 -22.41 5.80
C PRO D 102 15.04 -21.66 4.48
N TYR D 103 14.52 -20.44 4.40
CA TYR D 103 14.60 -19.57 3.21
C TYR D 103 15.05 -18.16 3.61
N THR D 104 15.27 -17.38 2.56
CA THR D 104 15.59 -15.92 2.60
C THR D 104 14.44 -15.17 1.97
N PRO D 105 14.32 -13.85 2.21
CA PRO D 105 13.29 -13.06 1.54
C PRO D 105 13.25 -13.27 0.02
N ALA D 106 14.40 -13.37 -0.67
CA ALA D 106 14.43 -13.48 -2.15
C ALA D 106 14.00 -14.90 -2.58
N THR D 107 13.96 -15.90 -1.68
CA THR D 107 13.64 -17.31 -2.06
C THR D 107 12.36 -17.86 -1.43
N ALA D 108 11.80 -17.25 -0.40
CA ALA D 108 10.68 -17.85 0.37
C ALA D 108 9.45 -18.04 -0.52
N ARG D 109 9.13 -17.12 -1.45
CA ARG D 109 7.89 -17.24 -2.24
C ARG D 109 7.95 -18.48 -3.16
N ASN D 110 9.05 -18.66 -3.90
CA ASN D 110 9.24 -19.83 -4.80
C ASN D 110 9.55 -21.10 -3.99
N GLY D 111 10.23 -20.96 -2.85
CA GLY D 111 10.46 -22.05 -1.89
C GLY D 111 9.16 -22.69 -1.38
N ILE D 112 8.25 -21.89 -0.83
CA ILE D 112 6.87 -22.31 -0.41
C ILE D 112 6.13 -22.87 -1.64
N GLY D 113 6.10 -22.12 -2.74
CA GLY D 113 5.46 -22.57 -3.99
C GLY D 113 3.97 -22.73 -3.80
N ALA D 114 3.41 -23.88 -4.20
CA ALA D 114 1.97 -24.15 -4.11
C ALA D 114 1.63 -24.86 -2.78
N ARG D 115 2.64 -24.99 -1.91
CA ARG D 115 2.51 -25.71 -0.62
C ARG D 115 1.81 -24.79 0.40
N ASN D 116 1.17 -25.41 1.38
CA ASN D 116 0.50 -24.76 2.52
C ASN D 116 1.22 -25.27 3.77
N GLY D 117 1.30 -24.45 4.80
CA GLY D 117 1.88 -24.89 6.07
C GLY D 117 2.06 -23.78 7.06
N VAL D 118 2.98 -23.98 7.99
CA VAL D 118 3.30 -23.03 9.08
C VAL D 118 4.54 -22.28 8.64
N VAL D 119 4.60 -20.98 8.91
CA VAL D 119 5.75 -20.14 8.50
C VAL D 119 6.21 -19.31 9.69
N ALA D 120 7.52 -19.18 9.85
CA ALA D 120 8.15 -18.31 10.86
C ALA D 120 9.07 -17.33 10.15
N PHE D 121 8.81 -16.06 10.35
CA PHE D 121 9.61 -14.90 9.88
C PHE D 121 10.48 -14.49 11.07
N ASN D 122 11.78 -14.79 10.99
CA ASN D 122 12.71 -14.62 12.13
C ASN D 122 13.45 -13.29 12.01
N ASN D 123 13.46 -12.49 13.09
CA ASN D 123 14.28 -11.25 13.21
C ASN D 123 13.80 -10.22 12.19
N ILE D 124 12.67 -9.58 12.54
CA ILE D 124 12.03 -8.47 11.81
C ILE D 124 12.50 -7.21 12.51
N PRO D 125 12.95 -6.16 11.81
CA PRO D 125 13.23 -4.88 12.44
C PRO D 125 12.01 -4.34 13.23
N GLY D 126 12.12 -4.24 14.55
CA GLY D 126 11.12 -3.60 15.42
C GLY D 126 10.01 -4.55 15.89
N TYR D 127 10.22 -5.85 15.90
CA TYR D 127 9.15 -6.80 16.31
C TYR D 127 9.67 -7.82 17.34
N THR D 128 9.35 -7.62 18.62
CA THR D 128 9.89 -8.42 19.76
C THR D 128 9.13 -9.75 19.88
N GLY D 129 9.73 -10.73 20.58
CA GLY D 129 9.20 -12.10 20.74
C GLY D 129 9.91 -13.05 19.78
N GLY D 130 10.74 -12.52 18.86
CA GLY D 130 11.61 -13.30 17.94
C GLY D 130 11.22 -13.14 16.48
N GLY D 131 10.00 -12.66 16.19
CA GLY D 131 9.51 -12.54 14.81
C GLY D 131 8.03 -12.80 14.73
N HIS D 132 7.57 -13.37 13.63
CA HIS D 132 6.13 -13.61 13.37
C HIS D 132 5.97 -15.05 12.95
N ILE D 133 5.00 -15.74 13.55
CA ILE D 133 4.62 -17.11 13.14
C ILE D 133 3.16 -17.10 12.71
N ASP D 134 2.85 -17.87 11.68
CA ASP D 134 1.56 -17.73 10.97
C ASP D 134 1.33 -19.00 10.18
N LEU D 135 0.16 -19.09 9.57
CA LEU D 135 -0.19 -20.13 8.57
C LEU D 135 -0.13 -19.47 7.20
N VAL D 136 0.35 -20.22 6.23
CA VAL D 136 0.52 -19.65 4.87
C VAL D 136 -0.10 -20.61 3.86
N ARG D 137 -0.73 -20.03 2.84
CA ARG D 137 -1.19 -20.75 1.63
C ARG D 137 -0.36 -20.24 0.44
N GLY D 138 0.42 -21.12 -0.19
CA GLY D 138 1.09 -20.83 -1.46
C GLY D 138 0.08 -20.82 -2.59
N GLY D 139 0.17 -19.87 -3.50
CA GLY D 139 -0.69 -19.77 -4.69
C GLY D 139 0.12 -19.27 -5.85
N SER D 140 -0.50 -19.16 -7.03
CA SER D 140 0.17 -18.70 -8.27
C SER D 140 0.52 -17.20 -8.13
N GLU D 141 -0.37 -16.44 -7.50
CA GLU D 141 -0.38 -14.94 -7.52
C GLU D 141 0.51 -14.40 -6.38
N ALA D 142 0.48 -15.04 -5.22
CA ALA D 142 1.22 -14.60 -4.01
C ALA D 142 1.19 -15.71 -2.96
N THR D 143 2.09 -15.63 -1.98
CA THR D 143 1.90 -16.27 -0.66
C THR D 143 0.87 -15.44 0.10
N GLN D 144 -0.06 -16.10 0.75
CA GLN D 144 -1.05 -15.43 1.61
C GLN D 144 -0.90 -16.03 3.01
N CYS D 145 -0.44 -15.21 3.94
CA CYS D 145 -0.45 -15.53 5.37
C CYS D 145 -1.84 -15.20 5.90
N ALA D 146 -2.27 -15.98 6.88
CA ALA D 146 -3.59 -15.83 7.52
C ALA D 146 -3.69 -14.48 8.25
N SER D 147 -2.61 -14.03 8.90
CA SER D 147 -2.57 -12.74 9.64
C SER D 147 -1.67 -11.71 8.97
N ALA D 148 -0.43 -12.05 8.62
CA ALA D 148 0.52 -11.09 8.03
C ALA D 148 1.77 -11.82 7.55
N CYS D 149 2.40 -11.34 6.48
CA CYS D 149 3.70 -11.88 6.01
CA CYS D 149 3.72 -11.87 6.07
C CYS D 149 4.77 -10.79 6.28
N TYR D 150 6.00 -11.19 6.62
CA TYR D 150 7.11 -10.25 6.92
C TYR D 150 8.36 -10.70 6.14
N TYR D 151 8.33 -10.52 4.83
CA TYR D 151 9.46 -10.89 3.96
C TYR D 151 10.63 -9.93 4.22
N ASN D 152 10.48 -8.91 5.06
CA ASN D 152 11.61 -8.04 5.47
C ASN D 152 12.46 -8.75 6.54
N SER D 153 12.16 -10.01 6.88
CA SER D 153 12.84 -10.75 7.95
C SER D 153 14.18 -11.30 7.46
N GLU D 154 15.06 -11.66 8.38
CA GLU D 154 16.41 -12.22 8.10
C GLU D 154 16.31 -13.63 7.50
N THR D 155 15.58 -14.52 8.15
CA THR D 155 15.34 -15.90 7.65
C THR D 155 13.85 -16.19 7.78
N ILE D 156 13.40 -17.09 6.93
CA ILE D 156 12.00 -17.56 6.89
C ILE D 156 12.03 -19.08 6.99
N TRP D 157 11.33 -19.64 7.98
CA TRP D 157 11.19 -21.10 8.11
C TRP D 157 9.82 -21.50 7.61
N PHE D 158 9.78 -22.51 6.76
CA PHE D 158 8.52 -23.10 6.24
C PHE D 158 8.43 -24.58 6.63
N TRP D 159 7.33 -24.95 7.28
CA TRP D 159 6.93 -26.37 7.52
C TRP D 159 5.75 -26.72 6.62
N PRO D 160 5.96 -27.44 5.50
CA PRO D 160 4.84 -27.83 4.62
C PRO D 160 3.93 -28.87 5.29
N LEU D 161 2.61 -28.76 5.10
CA LEU D 161 1.58 -29.70 5.64
C LEU D 161 0.63 -30.17 4.51
N GLN D 162 0.45 -29.34 3.49
CA GLN D 162 -0.33 -29.67 2.27
C GLN D 162 0.43 -29.12 1.04
N ALA D 163 0.16 -29.66 -0.14
CA ALA D 163 0.82 -29.30 -1.41
C ALA D 163 -0.22 -28.68 -2.37
N SER D 164 -1.41 -28.39 -1.86
CA SER D 164 -2.62 -28.02 -2.65
C SER D 164 -3.33 -26.82 -2.00
#